data_8G24
#
_entry.id   8G24
#
_cell.length_a   49.070
_cell.length_b   68.604
_cell.length_c   82.417
_cell.angle_alpha   90.00
_cell.angle_beta   102.52
_cell.angle_gamma   90.00
#
_symmetry.space_group_name_H-M   'P 1 21 1'
#
loop_
_entity.id
_entity.type
_entity.pdbx_description
1 polymer 'MAP domain-containing protein'
2 polymer 'Neutrophil elastase'
3 polymer Cathepsin-G
4 branched 2-acetamido-2-deoxy-beta-D-glucopyranose-(1-4)-2-acetamido-2-deoxy-beta-D-glucopyranose
5 water water
#
loop_
_entity_poly.entity_id
_entity_poly.type
_entity_poly.pdbx_seq_one_letter_code
_entity_poly.pdbx_strand_id
1 'polypeptide(L)'
;GSTAEKDKLPATQKAKEMQNVPYTIAVDGIMAFNQSYLNLPKDSQLSYLDLGNKVKALLYDERGVTPEKIRNAKSAVYTI
TWKDGSKKEVDLKKDSYTANLFDSNSIKQIDINVKTK
;
C
2 'polypeptide(L)'
;IVGGRRARPHAWPFMVSLQLRGGHFCGATLIAPNFVMSAAHCVANVNVRAVRVVLGAHNLSRREPTRQVFAVQRIFENGY
DPVNLLNDIVILQLNGSATINANVQVAQLPAQGRRLGNGVQCLAMGWGLLGRNRGIASVLQELNVTVVTSLCRRSNVCTL
VRGRQAGVCFGDSGSPLVCNGLIHGIASFVRGGCASGLYPDAFAPVAQFVNWIDSIIQ
;
B
3 'polypeptide(L)'
;IIGGRESRPHSRPYMAYLQIQSPAGQSRCGGFLVREDFVLTAAHCWGSNINVTLGAHNIQRRENTQQHITARRAIRHPQY
NQRTIQNDIMLLQLSRRVRRNRNVNPVALPRAQEGLRPGTLCTVAGWGRVSMRRGTDTLREVQLRVQRDRQCLRIFGSYD
PRRQICVGDRRERKAAFKGDSGGPLLCNNVAHGIVSYGKSSGVPPEVFTRVSSFLPWIRTTMR
;
A
#
# COMPACT_ATOMS: atom_id res chain seq x y z
N ALA A 15 -5.05 10.59 -14.87
CA ALA A 15 -4.17 9.94 -13.90
C ALA A 15 -2.97 10.83 -13.58
N LYS A 16 -2.91 12.00 -14.22
CA LYS A 16 -1.88 12.97 -13.89
C LYS A 16 -1.98 13.39 -12.43
N GLU A 17 -3.19 13.70 -11.97
CA GLU A 17 -3.47 13.79 -10.55
C GLU A 17 -3.30 12.42 -9.93
N MET A 18 -2.88 12.40 -8.67
CA MET A 18 -2.60 11.14 -8.00
C MET A 18 -3.47 10.96 -6.76
N GLN A 19 -3.87 9.73 -6.55
CA GLN A 19 -4.46 9.28 -5.30
C GLN A 19 -3.41 9.31 -4.20
N ASN A 20 -3.80 9.74 -3.01
CA ASN A 20 -2.92 9.79 -1.85
C ASN A 20 -3.44 8.80 -0.82
N VAL A 21 -2.80 7.63 -0.74
CA VAL A 21 -3.27 6.51 0.07
C VAL A 21 -2.51 6.52 1.38
N PRO A 22 -3.17 6.67 2.53
CA PRO A 22 -2.44 6.60 3.80
C PRO A 22 -1.74 5.26 3.97
N TYR A 23 -0.55 5.30 4.56
CA TYR A 23 0.15 4.07 4.87
C TYR A 23 0.88 4.23 6.20
N THR A 24 1.16 3.08 6.83
CA THR A 24 1.97 3.05 8.04
C THR A 24 3.04 1.98 7.89
N ILE A 25 4.21 2.20 8.49
CA ILE A 25 5.27 1.20 8.53
C ILE A 25 5.65 0.94 9.98
N ALA A 26 5.61 -0.32 10.39
CA ALA A 26 6.16 -0.77 11.67
C ALA A 26 7.23 -1.80 11.38
N VAL A 27 8.42 -1.59 11.94
CA VAL A 27 9.52 -2.54 11.84
C VAL A 27 10.01 -2.83 13.25
N ASP A 28 10.03 -4.11 13.61
CA ASP A 28 10.51 -4.52 14.93
C ASP A 28 9.81 -3.74 16.03
N GLY A 29 8.50 -3.55 15.86
CA GLY A 29 7.73 -2.92 16.92
C GLY A 29 7.93 -1.43 17.06
N ILE A 30 8.54 -0.77 16.09
CA ILE A 30 8.77 0.66 16.09
C ILE A 30 8.05 1.26 14.88
N MET A 31 7.21 2.27 15.14
CA MET A 31 6.55 3.02 14.08
C MET A 31 6.83 4.50 14.27
N ALA A 32 7.38 5.16 13.26
CA ALA A 32 7.53 6.61 13.27
C ALA A 32 6.16 7.26 13.30
N PHE A 33 6.07 8.40 13.97
CA PHE A 33 4.79 9.06 14.19
C PHE A 33 4.53 10.23 13.22
N ASN A 34 5.05 10.14 12.01
CA ASN A 34 4.54 11.02 10.96
C ASN A 34 3.22 10.46 10.44
N GLN A 35 2.54 11.26 9.61
CA GLN A 35 1.33 10.84 8.93
C GLN A 35 1.65 10.87 7.44
N SER A 36 1.73 9.69 6.81
CA SER A 36 2.28 9.62 5.47
C SER A 36 1.34 8.97 4.47
N TYR A 37 1.53 9.38 3.22
CA TYR A 37 0.69 8.95 2.11
C TYR A 37 1.55 8.55 0.91
N LEU A 38 1.09 7.52 0.22
CA LEU A 38 1.72 7.01 -0.98
C LEU A 38 0.90 7.44 -2.19
N ASN A 39 1.58 8.00 -3.19
CA ASN A 39 0.91 8.41 -4.42
C ASN A 39 0.71 7.21 -5.32
N LEU A 40 -0.49 7.06 -5.81
CA LEU A 40 -0.77 6.14 -6.90
C LEU A 40 -1.43 6.90 -8.04
N PRO A 41 -1.15 6.57 -9.29
CA PRO A 41 -1.81 7.28 -10.40
C PRO A 41 -3.32 7.17 -10.25
N LYS A 42 -4.01 8.30 -10.34
CA LYS A 42 -5.46 8.29 -10.16
C LYS A 42 -6.13 7.62 -11.36
N ASP A 43 -7.19 6.86 -11.08
CA ASP A 43 -7.96 6.21 -12.13
C ASP A 43 -7.08 5.28 -12.96
N SER A 44 -6.17 4.60 -12.29
CA SER A 44 -5.24 3.66 -12.89
C SER A 44 -5.54 2.25 -12.42
N GLN A 45 -5.11 1.29 -13.22
CA GLN A 45 -5.10 -0.11 -12.80
C GLN A 45 -3.69 -0.54 -12.47
N LEU A 46 -3.56 -1.41 -11.47
CA LEU A 46 -2.25 -1.85 -11.04
C LEU A 46 -2.26 -3.34 -10.72
N SER A 47 -1.07 -3.92 -10.75
CA SER A 47 -0.86 -5.32 -10.39
C SER A 47 -0.28 -5.42 -8.98
N TYR A 48 -0.41 -6.62 -8.40
CA TYR A 48 0.23 -6.88 -7.11
C TYR A 48 1.75 -6.82 -7.19
N LEU A 49 2.30 -7.03 -8.38
CA LEU A 49 3.73 -6.82 -8.57
C LEU A 49 4.08 -5.33 -8.47
N ASP A 50 3.33 -4.47 -9.16
CA ASP A 50 3.58 -3.04 -9.07
C ASP A 50 3.48 -2.55 -7.63
N LEU A 51 2.38 -2.88 -6.96
CA LEU A 51 2.16 -2.37 -5.61
C LEU A 51 3.17 -2.95 -4.63
N GLY A 52 3.46 -4.24 -4.73
CA GLY A 52 4.48 -4.83 -3.89
C GLY A 52 5.83 -4.17 -4.06
N ASN A 53 6.19 -3.84 -5.30
CA ASN A 53 7.46 -3.17 -5.54
C ASN A 53 7.46 -1.77 -4.96
N LYS A 54 6.35 -1.06 -5.06
CA LYS A 54 6.24 0.23 -4.40
C LYS A 54 6.39 0.09 -2.88
N VAL A 55 5.81 -0.96 -2.30
CA VAL A 55 5.93 -1.19 -0.87
C VAL A 55 7.38 -1.46 -0.49
N LYS A 56 8.06 -2.30 -1.26
CA LYS A 56 9.47 -2.57 -1.03
C LYS A 56 10.30 -1.31 -1.14
N ALA A 57 10.03 -0.47 -2.15
CA ALA A 57 10.77 0.79 -2.28
C ALA A 57 10.55 1.65 -1.06
N LEU A 58 9.31 1.70 -0.57
CA LEU A 58 8.99 2.52 0.60
C LEU A 58 9.67 1.97 1.85
N LEU A 59 9.61 0.66 2.05
CA LEU A 59 10.31 0.04 3.15
C LEU A 59 11.77 0.45 3.15
N TYR A 60 12.42 0.40 1.98
CA TYR A 60 13.83 0.78 1.95
C TYR A 60 14.02 2.28 2.21
N ASP A 61 13.32 3.15 1.46
CA ASP A 61 13.64 4.57 1.53
C ASP A 61 13.15 5.21 2.82
N GLU A 62 12.13 4.63 3.49
CA GLU A 62 11.69 5.22 4.76
C GLU A 62 12.35 4.56 5.97
N ARG A 63 12.60 3.26 5.94
CA ARG A 63 13.13 2.57 7.13
C ARG A 63 14.35 1.71 6.83
N GLY A 64 14.96 1.84 5.66
CA GLY A 64 16.21 1.16 5.38
C GLY A 64 16.09 -0.35 5.30
N VAL A 65 14.89 -0.87 5.11
CA VAL A 65 14.62 -2.30 5.11
C VAL A 65 14.98 -2.84 3.73
N THR A 66 15.97 -3.73 3.67
CA THR A 66 16.49 -4.22 2.39
C THR A 66 15.73 -5.47 1.94
N PRO A 67 15.89 -5.87 0.68
CA PRO A 67 15.33 -7.18 0.26
C PRO A 67 15.87 -8.35 1.07
N GLU A 68 17.17 -8.34 1.38
CA GLU A 68 17.76 -9.39 2.18
C GLU A 68 17.11 -9.44 3.56
N LYS A 69 16.78 -8.26 4.11
CA LYS A 69 16.14 -8.21 5.42
C LYS A 69 14.73 -8.79 5.38
N ILE A 70 13.97 -8.52 4.32
CA ILE A 70 12.67 -9.15 4.14
C ILE A 70 12.84 -10.67 4.03
N ARG A 71 13.91 -11.11 3.38
CA ARG A 71 14.16 -12.53 3.22
C ARG A 71 14.41 -13.21 4.56
N ASN A 72 15.23 -12.60 5.42
CA ASN A 72 15.60 -13.23 6.68
C ASN A 72 14.66 -12.87 7.82
N ALA A 73 13.64 -12.07 7.56
CA ALA A 73 12.75 -11.64 8.61
C ALA A 73 11.91 -12.81 9.11
N LYS A 74 11.55 -12.78 10.39
CA LYS A 74 10.55 -13.72 10.89
C LYS A 74 9.28 -13.61 10.07
N SER A 75 8.85 -12.38 9.81
CA SER A 75 7.62 -12.12 9.07
C SER A 75 7.74 -10.76 8.39
N ALA A 76 7.09 -10.64 7.24
CA ALA A 76 7.14 -9.39 6.48
C ALA A 76 5.90 -9.37 5.60
N VAL A 77 4.93 -8.53 5.94
CA VAL A 77 3.65 -8.47 5.23
C VAL A 77 3.23 -7.02 5.09
N TYR A 78 2.26 -6.79 4.21
CA TYR A 78 1.52 -5.53 4.18
C TYR A 78 0.06 -5.88 3.97
N THR A 79 -0.84 -5.08 4.54
CA THR A 79 -2.26 -5.35 4.48
C THR A 79 -2.93 -4.18 3.78
N ILE A 80 -3.60 -4.48 2.67
CA ILE A 80 -4.39 -3.51 1.94
C ILE A 80 -5.79 -3.51 2.53
N THR A 81 -6.26 -2.35 2.98
CA THR A 81 -7.68 -2.15 3.24
C THR A 81 -8.29 -1.51 2.00
N TRP A 82 -9.22 -2.24 1.37
CA TRP A 82 -9.90 -1.79 0.17
C TRP A 82 -11.07 -0.87 0.56
N LYS A 83 -11.60 -0.16 -0.44
CA LYS A 83 -12.73 0.73 -0.20
C LYS A 83 -13.99 -0.04 0.18
N ASP A 84 -14.14 -1.27 -0.32
CA ASP A 84 -15.31 -2.05 0.06
C ASP A 84 -15.26 -2.46 1.53
N GLY A 85 -14.12 -2.30 2.19
CA GLY A 85 -13.95 -2.71 3.57
C GLY A 85 -13.22 -4.03 3.74
N SER A 86 -13.07 -4.79 2.65
CA SER A 86 -12.30 -6.01 2.65
C SER A 86 -10.82 -5.70 2.87
N LYS A 87 -10.09 -6.70 3.38
CA LYS A 87 -8.65 -6.61 3.57
C LYS A 87 -7.95 -7.78 2.90
N LYS A 88 -6.84 -7.49 2.25
CA LYS A 88 -5.96 -8.55 1.72
C LYS A 88 -4.60 -8.42 2.40
N GLU A 89 -4.06 -9.53 2.89
CA GLU A 89 -2.72 -9.56 3.45
C GLU A 89 -1.76 -10.16 2.44
N VAL A 90 -0.70 -9.44 2.16
CA VAL A 90 0.31 -9.83 1.17
C VAL A 90 1.58 -10.16 1.91
N ASP A 91 2.11 -11.37 1.66
CA ASP A 91 3.36 -11.83 2.23
C ASP A 91 4.50 -11.38 1.34
N LEU A 92 5.29 -10.40 1.81
CA LEU A 92 6.37 -9.87 1.01
C LEU A 92 7.48 -10.88 0.77
N LYS A 93 7.55 -11.94 1.57
CA LYS A 93 8.55 -12.96 1.37
C LYS A 93 8.24 -13.88 0.19
N LYS A 94 7.08 -13.71 -0.44
CA LYS A 94 6.64 -14.60 -1.51
C LYS A 94 6.81 -13.94 -2.88
N ASP A 95 7.09 -14.78 -3.88
CA ASP A 95 7.24 -14.34 -5.27
C ASP A 95 6.04 -14.75 -6.12
N SER A 96 4.95 -15.19 -5.50
CA SER A 96 3.73 -15.55 -6.22
C SER A 96 2.79 -14.35 -6.30
N TYR A 97 2.34 -14.03 -7.52
CA TYR A 97 1.43 -12.91 -7.74
C TYR A 97 0.21 -13.37 -8.50
N THR A 98 -0.98 -13.09 -7.95
CA THR A 98 -2.20 -13.32 -8.71
C THR A 98 -2.18 -12.44 -9.97
N ALA A 99 -2.69 -13.00 -11.08
CA ALA A 99 -2.50 -12.38 -12.39
C ALA A 99 -3.59 -11.39 -12.75
N ASN A 100 -4.17 -10.71 -11.78
CA ASN A 100 -5.32 -9.83 -11.98
C ASN A 100 -4.87 -8.36 -11.91
N LEU A 101 -5.82 -7.46 -12.16
CA LEU A 101 -5.61 -6.03 -12.03
C LEU A 101 -6.67 -5.45 -11.10
N PHE A 102 -6.32 -4.34 -10.43
CA PHE A 102 -7.23 -3.69 -9.50
C PHE A 102 -7.08 -2.18 -9.63
N ASP A 103 -8.13 -1.48 -9.20
CA ASP A 103 -8.20 -0.03 -9.37
C ASP A 103 -7.53 0.70 -8.21
N SER A 104 -6.69 1.68 -8.54
CA SER A 104 -5.98 2.45 -7.52
C SER A 104 -6.94 3.20 -6.61
N ASN A 105 -8.10 3.61 -7.15
CA ASN A 105 -9.08 4.35 -6.37
C ASN A 105 -9.79 3.47 -5.35
N SER A 106 -9.57 2.17 -5.38
CA SER A 106 -10.20 1.27 -4.43
C SER A 106 -9.38 1.05 -3.16
N ILE A 107 -8.15 1.52 -3.10
CA ILE A 107 -7.30 1.30 -1.93
C ILE A 107 -7.50 2.47 -0.97
N LYS A 108 -7.94 2.16 0.25
CA LYS A 108 -8.15 3.16 1.28
C LYS A 108 -6.96 3.29 2.24
N GLN A 109 -6.22 2.21 2.48
CA GLN A 109 -5.17 2.24 3.50
C GLN A 109 -4.22 1.07 3.28
N ILE A 110 -2.93 1.29 3.59
CA ILE A 110 -1.94 0.22 3.56
C ILE A 110 -1.13 0.24 4.86
N ASP A 111 -1.02 -0.91 5.51
CA ASP A 111 -0.30 -1.02 6.77
C ASP A 111 0.75 -2.11 6.63
N ILE A 112 2.00 -1.71 6.76
CA ILE A 112 3.17 -2.53 6.46
C ILE A 112 3.80 -2.94 7.78
N ASN A 113 4.10 -4.23 7.92
CA ASN A 113 4.67 -4.70 9.19
C ASN A 113 5.75 -5.75 8.96
N VAL A 114 6.93 -5.46 9.46
CA VAL A 114 8.08 -6.34 9.34
C VAL A 114 8.58 -6.72 10.73
N LYS A 115 8.74 -8.01 10.97
CA LYS A 115 9.29 -8.51 12.23
C LYS A 115 10.46 -9.41 11.90
N THR A 116 11.66 -8.98 12.28
CA THR A 116 12.83 -9.84 12.24
C THR A 116 12.99 -10.61 13.54
N LYS A 117 12.11 -10.39 14.50
CA LYS A 117 12.14 -11.00 15.84
C LYS A 117 13.45 -11.68 16.14
N ILE B 1 -1.28 -10.91 -22.30
CA ILE B 1 -0.41 -11.98 -22.78
C ILE B 1 0.88 -11.36 -23.25
N VAL B 2 2.00 -11.95 -22.85
CA VAL B 2 3.33 -11.50 -23.27
C VAL B 2 3.82 -12.39 -24.39
N GLY B 3 4.41 -11.79 -25.42
CA GLY B 3 4.94 -12.57 -26.52
C GLY B 3 3.92 -13.32 -27.35
N GLY B 4 2.67 -12.86 -27.37
CA GLY B 4 1.60 -13.55 -28.02
C GLY B 4 1.30 -12.99 -29.40
N ARG B 5 0.12 -13.31 -29.91
CA ARG B 5 -0.34 -12.88 -31.21
C ARG B 5 -1.78 -12.42 -31.12
N ARG B 6 -2.14 -11.42 -31.93
CA ARG B 6 -3.54 -11.02 -32.00
C ARG B 6 -4.39 -12.20 -32.42
N ALA B 7 -5.45 -12.45 -31.67
CA ALA B 7 -6.40 -13.49 -32.04
C ALA B 7 -7.18 -13.04 -33.28
N ARG B 8 -7.59 -14.01 -34.08
CA ARG B 8 -8.44 -13.66 -35.23
C ARG B 8 -9.75 -13.10 -34.73
N PRO B 9 -10.33 -12.10 -35.40
CA PRO B 9 -11.57 -11.49 -34.89
C PRO B 9 -12.64 -12.52 -34.56
N HIS B 10 -13.04 -12.57 -33.29
CA HIS B 10 -14.07 -13.48 -32.81
C HIS B 10 -13.66 -14.94 -33.01
N ALA B 11 -12.35 -15.17 -32.92
CA ALA B 11 -11.83 -16.52 -33.05
C ALA B 11 -12.32 -17.44 -31.94
N TRP B 12 -12.41 -16.91 -30.71
CA TRP B 12 -12.81 -17.69 -29.53
C TRP B 12 -14.04 -17.04 -28.90
N PRO B 13 -15.24 -17.36 -29.41
CA PRO B 13 -16.46 -16.69 -28.93
C PRO B 13 -16.89 -17.06 -27.52
N PHE B 14 -16.14 -17.89 -26.81
CA PHE B 14 -16.40 -18.16 -25.40
C PHE B 14 -15.62 -17.22 -24.48
N MET B 15 -14.80 -16.33 -25.05
CA MET B 15 -13.97 -15.44 -24.25
C MET B 15 -14.81 -14.30 -23.68
N VAL B 16 -14.47 -13.87 -22.46
CA VAL B 16 -15.24 -12.83 -21.77
C VAL B 16 -14.32 -11.82 -21.11
N SER B 17 -14.74 -10.56 -21.11
CA SER B 17 -14.06 -9.50 -20.38
C SER B 17 -14.89 -9.12 -19.16
N LEU B 18 -14.27 -9.07 -17.99
CA LEU B 18 -14.91 -8.56 -16.79
C LEU B 18 -14.40 -7.13 -16.58
N GLN B 19 -15.33 -6.17 -16.56
CA GLN B 19 -15.02 -4.75 -16.52
C GLN B 19 -15.59 -4.17 -15.24
N LEU B 20 -14.98 -3.09 -14.77
CA LEU B 20 -15.48 -2.39 -13.60
C LEU B 20 -15.00 -0.96 -13.71
N ARG B 21 -15.92 0.00 -13.58
CA ARG B 21 -15.58 1.39 -13.83
C ARG B 21 -14.94 1.52 -15.21
N GLY B 22 -15.41 0.70 -16.15
CA GLY B 22 -14.85 0.68 -17.47
C GLY B 22 -13.51 -0.01 -17.58
N GLY B 23 -13.16 -0.86 -16.62
CA GLY B 23 -11.83 -1.44 -16.61
C GLY B 23 -11.79 -2.95 -16.69
N HIS B 24 -11.19 -3.48 -17.74
CA HIS B 24 -10.97 -4.92 -17.84
C HIS B 24 -9.99 -5.30 -16.75
N PHE B 25 -10.49 -5.86 -15.65
CA PHE B 25 -9.57 -6.35 -14.63
C PHE B 25 -9.28 -7.82 -14.79
N CYS B 26 -10.18 -8.59 -15.41
CA CYS B 26 -9.96 -10.03 -15.55
C CYS B 26 -10.68 -10.54 -16.77
N GLY B 27 -10.25 -11.71 -17.25
CA GLY B 27 -10.94 -12.43 -18.28
C GLY B 27 -11.82 -13.53 -17.69
N ALA B 28 -12.58 -14.18 -18.56
CA ALA B 28 -13.53 -15.19 -18.10
C ALA B 28 -13.99 -16.03 -19.29
N THR B 29 -14.84 -17.02 -19.01
CA THR B 29 -15.23 -18.02 -20.00
C THR B 29 -16.73 -18.25 -19.96
N LEU B 30 -17.43 -17.89 -21.04
CA LEU B 30 -18.82 -18.26 -21.22
C LEU B 30 -18.91 -19.78 -21.16
N ILE B 31 -19.45 -20.30 -20.06
CA ILE B 31 -19.58 -21.74 -19.85
C ILE B 31 -21.02 -22.20 -20.07
N ALA B 32 -21.98 -21.28 -20.09
CA ALA B 32 -23.41 -21.53 -20.25
C ALA B 32 -24.03 -20.22 -20.66
N PRO B 33 -25.11 -20.23 -21.45
CA PRO B 33 -25.71 -18.96 -21.87
C PRO B 33 -25.88 -17.97 -20.73
N ASN B 34 -26.02 -18.46 -19.49
CA ASN B 34 -26.23 -17.59 -18.34
C ASN B 34 -25.08 -17.58 -17.36
N PHE B 35 -23.98 -18.27 -17.65
CA PHE B 35 -22.90 -18.45 -16.68
C PHE B 35 -21.56 -18.22 -17.34
N VAL B 36 -20.74 -17.39 -16.68
CA VAL B 36 -19.33 -17.28 -17.02
C VAL B 36 -18.52 -17.90 -15.87
N MET B 37 -17.24 -18.13 -16.13
CA MET B 37 -16.37 -18.73 -15.13
C MET B 37 -15.01 -18.05 -15.18
N SER B 38 -14.49 -17.70 -14.00
CA SER B 38 -13.29 -16.89 -13.88
C SER B 38 -12.50 -17.40 -12.68
N ALA B 39 -11.55 -16.59 -12.22
CA ALA B 39 -10.71 -16.90 -11.06
C ALA B 39 -11.27 -16.22 -9.82
N ALA B 40 -11.25 -16.95 -8.70
CA ALA B 40 -11.88 -16.44 -7.48
C ALA B 40 -11.21 -15.17 -6.98
N HIS B 41 -9.89 -15.09 -7.09
CA HIS B 41 -9.20 -13.87 -6.66
C HIS B 41 -9.57 -12.66 -7.50
N CYS B 42 -10.21 -12.86 -8.66
CA CYS B 42 -10.62 -11.73 -9.47
C CYS B 42 -11.79 -10.95 -8.87
N VAL B 43 -12.47 -11.50 -7.87
CA VAL B 43 -13.66 -10.84 -7.33
C VAL B 43 -13.70 -10.83 -5.81
N ALA B 44 -12.60 -11.20 -5.17
CA ALA B 44 -12.60 -11.36 -3.71
C ALA B 44 -12.42 -10.03 -2.97
N ASN B 45 -12.08 -8.95 -3.67
CA ASN B 45 -11.85 -7.66 -3.03
C ASN B 45 -12.54 -6.53 -3.80
N VAL B 46 -13.60 -6.84 -4.55
CA VAL B 46 -14.30 -5.88 -5.39
C VAL B 46 -15.80 -5.97 -5.11
N ASN B 47 -16.53 -4.93 -5.51
CA ASN B 47 -17.98 -4.96 -5.49
C ASN B 47 -18.49 -5.68 -6.73
N VAL B 48 -19.04 -6.88 -6.55
CA VAL B 48 -19.52 -7.65 -7.71
C VAL B 48 -20.53 -6.84 -8.50
N ARG B 49 -21.47 -6.19 -7.83
CA ARG B 49 -22.60 -5.58 -8.53
C ARG B 49 -22.18 -4.48 -9.48
N ALA B 50 -20.96 -3.95 -9.35
CA ALA B 50 -20.43 -3.03 -10.34
C ALA B 50 -19.84 -3.75 -11.55
N VAL B 51 -19.46 -5.02 -11.39
CA VAL B 51 -18.77 -5.72 -12.46
C VAL B 51 -19.72 -5.94 -13.64
N ARG B 52 -19.18 -5.76 -14.83
CA ARG B 52 -19.91 -5.95 -16.08
C ARG B 52 -19.25 -7.06 -16.86
N VAL B 53 -20.05 -8.01 -17.34
CA VAL B 53 -19.56 -9.13 -18.14
C VAL B 53 -19.79 -8.77 -19.61
N VAL B 54 -18.72 -8.73 -20.39
CA VAL B 54 -18.80 -8.33 -21.79
C VAL B 54 -18.44 -9.53 -22.65
N LEU B 55 -19.37 -9.90 -23.54
CA LEU B 55 -19.27 -11.03 -24.43
C LEU B 55 -19.23 -10.56 -25.88
N GLY B 56 -18.55 -11.32 -26.73
CA GLY B 56 -18.43 -10.97 -28.11
C GLY B 56 -17.54 -9.77 -28.37
N ALA B 57 -16.60 -9.49 -27.47
CA ALA B 57 -15.63 -8.43 -27.67
C ALA B 57 -14.46 -8.91 -28.51
N HIS B 58 -13.88 -8.00 -29.28
CA HIS B 58 -12.56 -8.22 -29.85
C HIS B 58 -11.55 -7.12 -29.53
N ASN B 59 -11.87 -5.87 -29.88
CA ASN B 59 -10.98 -4.73 -29.66
C ASN B 59 -11.66 -3.83 -28.64
N LEU B 60 -11.26 -3.94 -27.37
CA LEU B 60 -11.89 -3.20 -26.28
C LEU B 60 -11.74 -1.69 -26.45
N SER B 61 -10.78 -1.23 -27.24
CA SER B 61 -10.64 0.19 -27.50
C SER B 61 -11.76 0.73 -28.38
N ARG B 62 -12.48 -0.15 -29.07
CA ARG B 62 -13.50 0.24 -30.04
C ARG B 62 -14.88 -0.11 -29.50
N ARG B 63 -15.87 0.72 -29.80
CA ARG B 63 -17.24 0.27 -29.63
C ARG B 63 -17.54 -0.76 -30.70
N GLU B 64 -18.09 -1.89 -30.28
CA GLU B 64 -18.46 -2.98 -31.18
C GLU B 64 -19.90 -3.33 -30.83
N PRO B 65 -20.90 -2.83 -31.57
CA PRO B 65 -22.28 -3.22 -31.28
C PRO B 65 -22.46 -4.74 -31.17
N THR B 66 -21.59 -5.50 -31.85
CA THR B 66 -21.61 -6.94 -31.72
C THR B 66 -21.61 -7.39 -30.26
N ARG B 67 -21.06 -6.57 -29.37
CA ARG B 67 -20.86 -6.99 -27.99
C ARG B 67 -22.18 -7.13 -27.24
N GLN B 68 -22.26 -8.17 -26.41
CA GLN B 68 -23.30 -8.33 -25.41
C GLN B 68 -22.72 -7.98 -24.05
N VAL B 69 -23.53 -7.38 -23.19
CA VAL B 69 -23.07 -6.95 -21.87
C VAL B 69 -24.10 -7.34 -20.82
N PHE B 70 -23.61 -7.82 -19.67
CA PHE B 70 -24.46 -8.34 -18.61
C PHE B 70 -23.91 -7.84 -17.27
N ALA B 71 -24.60 -8.22 -16.20
CA ALA B 71 -24.24 -7.87 -14.83
C ALA B 71 -24.45 -9.09 -13.95
N VAL B 72 -23.66 -9.20 -12.90
CA VAL B 72 -23.64 -10.43 -12.11
C VAL B 72 -24.80 -10.41 -11.11
N GLN B 73 -25.54 -11.52 -11.08
CA GLN B 73 -26.57 -11.73 -10.07
C GLN B 73 -26.05 -12.44 -8.84
N ARG B 74 -25.23 -13.48 -9.03
CA ARG B 74 -24.78 -14.31 -7.93
C ARG B 74 -23.44 -14.97 -8.28
N ILE B 75 -22.61 -15.12 -7.26
CA ILE B 75 -21.32 -15.79 -7.39
C ILE B 75 -21.40 -17.14 -6.70
N PHE B 76 -20.62 -18.09 -7.19
CA PHE B 76 -20.56 -19.44 -6.64
C PHE B 76 -19.10 -19.86 -6.65
N GLU B 77 -18.54 -20.15 -5.48
CA GLU B 77 -17.14 -20.51 -5.34
C GLU B 77 -17.01 -21.78 -4.51
N ASN B 78 -15.79 -22.30 -4.43
CA ASN B 78 -15.59 -23.61 -3.84
C ASN B 78 -14.31 -23.70 -3.03
N GLY B 79 -14.04 -22.69 -2.22
CA GLY B 79 -12.95 -22.79 -1.27
C GLY B 79 -11.65 -22.20 -1.73
N TYR B 80 -11.71 -21.06 -2.41
CA TYR B 80 -10.51 -20.33 -2.77
C TYR B 80 -9.74 -19.95 -1.50
N ASP B 81 -8.58 -20.56 -1.28
CA ASP B 81 -7.73 -20.15 -0.18
C ASP B 81 -6.67 -19.19 -0.71
N PRO B 82 -6.73 -17.89 -0.38
CA PRO B 82 -5.73 -16.97 -0.96
C PRO B 82 -4.33 -17.18 -0.40
N VAL B 83 -4.20 -17.63 0.85
CA VAL B 83 -2.89 -17.71 1.47
C VAL B 83 -1.97 -18.63 0.68
N ASN B 84 -2.50 -19.76 0.22
CA ASN B 84 -1.73 -20.76 -0.51
C ASN B 84 -2.21 -20.91 -1.95
N LEU B 85 -3.13 -20.05 -2.37
CA LEU B 85 -3.66 -20.02 -3.74
C LEU B 85 -4.16 -21.39 -4.17
N LEU B 86 -5.15 -21.88 -3.44
CA LEU B 86 -5.84 -23.12 -3.78
C LEU B 86 -7.28 -22.84 -4.14
N ASN B 87 -7.76 -23.50 -5.21
CA ASN B 87 -9.15 -23.42 -5.64
C ASN B 87 -9.49 -22.06 -6.21
N ASP B 88 -8.59 -21.54 -7.06
CA ASP B 88 -8.73 -20.18 -7.58
C ASP B 88 -9.71 -20.20 -8.75
N ILE B 89 -10.99 -20.38 -8.41
CA ILE B 89 -12.02 -20.43 -9.43
C ILE B 89 -13.34 -19.93 -8.86
N VAL B 90 -14.12 -19.29 -9.72
CA VAL B 90 -15.46 -18.83 -9.40
C VAL B 90 -16.31 -19.01 -10.65
N ILE B 91 -17.60 -19.28 -10.46
CA ILE B 91 -18.58 -19.24 -11.54
C ILE B 91 -19.58 -18.14 -11.20
N LEU B 92 -19.97 -17.37 -12.21
CA LEU B 92 -20.80 -16.19 -12.04
C LEU B 92 -22.04 -16.30 -12.91
N GLN B 93 -23.19 -16.03 -12.30
CA GLN B 93 -24.47 -16.02 -13.00
C GLN B 93 -24.77 -14.60 -13.45
N LEU B 94 -25.19 -14.45 -14.72
CA LEU B 94 -25.39 -13.14 -15.29
C LEU B 94 -26.81 -12.63 -14.99
N ASN B 95 -27.07 -11.39 -15.38
CA ASN B 95 -28.42 -10.83 -15.32
C ASN B 95 -29.19 -11.14 -16.61
N GLY B 96 -29.19 -12.39 -17.01
CA GLY B 96 -29.91 -12.83 -18.20
C GLY B 96 -29.24 -14.03 -18.83
N SER B 97 -29.35 -14.09 -20.16
CA SER B 97 -28.69 -15.08 -20.99
C SER B 97 -28.24 -14.41 -22.28
N ALA B 98 -27.20 -14.96 -22.90
CA ALA B 98 -26.64 -14.36 -24.10
C ALA B 98 -27.26 -14.95 -25.36
N THR B 99 -27.27 -14.14 -26.41
CA THR B 99 -27.71 -14.57 -27.75
C THR B 99 -26.53 -15.26 -28.42
N ILE B 100 -26.58 -16.59 -28.49
CA ILE B 100 -25.49 -17.35 -29.09
C ILE B 100 -25.52 -17.15 -30.60
N ASN B 101 -24.40 -16.71 -31.16
CA ASN B 101 -24.36 -16.26 -32.55
C ASN B 101 -22.91 -16.24 -33.03
N ALA B 102 -22.68 -15.54 -34.15
CA ALA B 102 -21.36 -15.49 -34.76
C ALA B 102 -20.29 -14.97 -33.80
N ASN B 103 -20.66 -14.12 -32.85
CA ASN B 103 -19.67 -13.51 -31.97
C ASN B 103 -19.70 -14.04 -30.54
N VAL B 104 -20.72 -14.81 -30.18
CA VAL B 104 -20.92 -15.26 -28.79
C VAL B 104 -21.34 -16.73 -28.83
N GLN B 105 -20.48 -17.61 -28.30
CA GLN B 105 -20.78 -19.03 -28.21
C GLN B 105 -20.29 -19.59 -26.89
N VAL B 106 -21.05 -20.53 -26.33
CA VAL B 106 -20.68 -21.14 -25.05
C VAL B 106 -19.49 -22.08 -25.26
N ALA B 107 -18.56 -22.05 -24.30
CA ALA B 107 -17.35 -22.87 -24.38
C ALA B 107 -17.68 -24.32 -24.08
N GLN B 108 -16.64 -25.17 -24.02
CA GLN B 108 -16.84 -26.58 -23.70
C GLN B 108 -15.74 -27.08 -22.78
N LEU B 109 -16.15 -27.74 -21.69
CA LEU B 109 -15.24 -28.07 -20.60
C LEU B 109 -14.83 -29.53 -20.64
N PRO B 110 -13.75 -29.87 -19.96
CA PRO B 110 -13.25 -31.25 -19.97
C PRO B 110 -14.05 -32.11 -19.00
N ALA B 111 -13.73 -33.39 -18.97
CA ALA B 111 -14.39 -34.31 -18.06
C ALA B 111 -13.79 -34.18 -16.67
N GLN B 112 -14.64 -34.29 -15.65
CA GLN B 112 -14.13 -34.44 -14.29
C GLN B 112 -13.13 -35.59 -14.27
N GLY B 113 -11.98 -35.35 -13.63
CA GLY B 113 -10.91 -36.32 -13.63
C GLY B 113 -9.80 -36.09 -14.65
N ARG B 114 -10.16 -35.81 -15.90
CA ARG B 114 -9.15 -35.61 -16.94
C ARG B 114 -8.05 -34.65 -16.45
N ARG B 115 -6.80 -34.99 -16.74
CA ARG B 115 -5.68 -34.32 -16.09
C ARG B 115 -4.69 -33.66 -17.02
N LEU B 116 -4.33 -34.31 -18.14
CA LEU B 116 -3.32 -33.78 -19.06
C LEU B 116 -1.93 -33.80 -18.44
N GLY B 117 -0.89 -33.81 -19.29
CA GLY B 117 0.47 -34.01 -18.81
C GLY B 117 1.54 -33.28 -19.60
N ASN B 118 2.79 -33.58 -19.26
CA ASN B 118 3.93 -32.86 -19.82
C ASN B 118 3.94 -32.95 -21.34
N GLY B 119 4.00 -31.79 -21.99
CA GLY B 119 4.18 -31.71 -23.41
C GLY B 119 2.94 -31.40 -24.22
N VAL B 120 1.75 -31.45 -23.61
CA VAL B 120 0.55 -31.08 -24.34
C VAL B 120 0.74 -29.68 -24.89
N GLN B 121 0.19 -29.43 -26.07
CA GLN B 121 0.20 -28.09 -26.66
C GLN B 121 -1.18 -27.49 -26.45
N CYS B 122 -1.22 -26.37 -25.72
CA CYS B 122 -2.45 -25.65 -25.41
C CYS B 122 -2.31 -24.23 -25.93
N LEU B 123 -3.41 -23.49 -25.90
CA LEU B 123 -3.42 -22.06 -26.21
C LEU B 123 -3.91 -21.31 -24.99
N ALA B 124 -3.23 -20.22 -24.65
CA ALA B 124 -3.70 -19.25 -23.67
C ALA B 124 -4.22 -18.03 -24.42
N MET B 125 -4.98 -17.20 -23.71
CA MET B 125 -5.47 -15.97 -24.34
C MET B 125 -5.91 -14.99 -23.26
N GLY B 126 -6.03 -13.74 -23.66
CA GLY B 126 -6.52 -12.71 -22.76
C GLY B 126 -6.18 -11.32 -23.23
N TRP B 127 -6.67 -10.35 -22.45
CA TRP B 127 -6.45 -8.93 -22.69
C TRP B 127 -5.49 -8.32 -21.65
N GLY B 128 -4.69 -9.14 -20.98
CA GLY B 128 -3.77 -8.64 -19.99
C GLY B 128 -2.71 -7.74 -20.59
N LEU B 129 -1.70 -7.45 -19.79
CA LEU B 129 -0.62 -6.58 -20.24
C LEU B 129 0.21 -7.27 -21.32
N LEU B 130 0.63 -6.48 -22.32
CA LEU B 130 1.37 -7.01 -23.45
C LEU B 130 2.87 -7.14 -23.17
N GLY B 131 3.38 -6.46 -22.14
CA GLY B 131 4.66 -6.84 -21.56
C GLY B 131 5.83 -5.87 -21.67
N ARG B 132 6.07 -5.28 -22.84
CA ARG B 132 7.21 -4.35 -22.97
C ARG B 132 6.77 -2.96 -22.53
N ASN B 133 6.12 -2.90 -21.38
CA ASN B 133 5.40 -1.71 -20.94
C ASN B 133 4.52 -1.16 -22.06
N ARG B 134 4.14 -2.02 -23.01
CA ARG B 134 3.22 -1.62 -24.06
C ARG B 134 1.83 -1.33 -23.50
N GLY B 135 1.54 -1.78 -22.29
CA GLY B 135 0.27 -1.54 -21.65
C GLY B 135 -0.70 -2.69 -21.84
N ILE B 136 -1.94 -2.44 -21.41
CA ILE B 136 -2.96 -3.47 -21.52
C ILE B 136 -3.38 -3.58 -22.98
N ALA B 137 -3.72 -4.81 -23.40
CA ALA B 137 -4.12 -5.06 -24.77
C ALA B 137 -5.61 -4.80 -24.93
N SER B 138 -5.96 -4.04 -25.97
CA SER B 138 -7.37 -3.83 -26.33
C SER B 138 -7.87 -4.93 -27.25
N VAL B 139 -7.04 -5.38 -28.19
CA VAL B 139 -7.37 -6.52 -29.04
C VAL B 139 -6.92 -7.79 -28.33
N LEU B 140 -7.83 -8.77 -28.28
CA LEU B 140 -7.56 -9.99 -27.53
C LEU B 140 -6.35 -10.72 -28.11
N GLN B 141 -5.49 -11.21 -27.21
CA GLN B 141 -4.26 -11.89 -27.57
C GLN B 141 -4.37 -13.38 -27.27
N GLU B 142 -3.54 -14.17 -27.95
CA GLU B 142 -3.48 -15.61 -27.75
C GLU B 142 -2.02 -16.06 -27.89
N LEU B 143 -1.70 -17.20 -27.27
CA LEU B 143 -0.31 -17.61 -27.15
C LEU B 143 -0.19 -19.13 -27.07
N ASN B 144 0.63 -19.70 -27.92
CA ASN B 144 0.89 -21.13 -27.87
C ASN B 144 1.73 -21.47 -26.64
N VAL B 145 1.26 -22.43 -25.85
CA VAL B 145 1.89 -22.81 -24.60
C VAL B 145 2.04 -24.33 -24.59
N THR B 146 2.94 -24.82 -23.75
CA THR B 146 3.16 -26.24 -23.55
C THR B 146 3.02 -26.55 -22.07
N VAL B 147 2.23 -27.58 -21.75
CA VAL B 147 2.02 -27.95 -20.36
C VAL B 147 3.31 -28.51 -19.80
N VAL B 148 3.76 -27.95 -18.68
CA VAL B 148 4.98 -28.42 -18.03
C VAL B 148 4.63 -28.96 -16.66
N THR B 149 5.40 -29.96 -16.24
CA THR B 149 5.27 -30.63 -14.94
C THR B 149 6.70 -30.59 -14.40
N SER B 150 6.97 -29.57 -13.60
CA SER B 150 8.30 -29.10 -13.21
C SER B 150 8.06 -28.51 -11.83
N LEU B 151 8.78 -27.44 -11.49
CA LEU B 151 8.49 -26.69 -10.27
C LEU B 151 6.98 -26.59 -10.02
N CYS B 152 6.18 -26.78 -11.07
CA CYS B 152 4.73 -26.85 -10.93
C CYS B 152 4.35 -27.64 -9.69
N ARG B 153 3.41 -27.09 -8.94
CA ARG B 153 2.87 -27.72 -7.76
C ARG B 153 1.83 -28.77 -8.15
N ARG B 154 1.57 -29.68 -7.21
CA ARG B 154 0.64 -30.76 -7.44
C ARG B 154 -0.77 -30.27 -7.77
N SER B 155 -1.10 -29.03 -7.40
CA SER B 155 -2.49 -28.57 -7.37
C SER B 155 -2.80 -27.56 -8.47
N ASN B 156 -1.99 -27.50 -9.52
CA ASN B 156 -2.19 -26.54 -10.60
C ASN B 156 -1.86 -27.20 -11.92
N VAL B 157 -2.37 -26.61 -13.00
CA VAL B 157 -1.87 -26.90 -14.34
C VAL B 157 -0.89 -25.78 -14.70
N CYS B 158 0.37 -26.11 -14.90
CA CYS B 158 1.37 -25.08 -15.19
C CYS B 158 1.84 -25.18 -16.63
N THR B 159 2.23 -24.03 -17.17
CA THR B 159 2.56 -23.95 -18.59
C THR B 159 3.82 -23.13 -18.78
N LEU B 160 4.48 -23.38 -19.91
CA LEU B 160 5.67 -22.63 -20.30
C LEU B 160 5.70 -22.49 -21.81
N VAL B 161 6.02 -21.29 -22.28
CA VAL B 161 6.41 -21.08 -23.69
C VAL B 161 7.92 -21.27 -23.72
N ARG B 162 8.34 -22.54 -23.74
CA ARG B 162 9.74 -22.86 -23.57
C ARG B 162 10.50 -22.55 -24.86
N GLY B 163 11.63 -21.87 -24.70
CA GLY B 163 12.42 -21.39 -25.82
C GLY B 163 12.44 -19.89 -25.97
N ARG B 164 11.56 -19.17 -25.28
CA ARG B 164 11.49 -17.73 -25.40
C ARG B 164 10.76 -17.18 -24.17
N GLN B 165 10.83 -15.85 -24.02
CA GLN B 165 10.22 -15.19 -22.88
C GLN B 165 8.80 -14.75 -23.26
N ALA B 166 7.82 -15.56 -22.89
CA ALA B 166 6.42 -15.30 -23.17
C ALA B 166 5.59 -16.00 -22.10
N GLY B 167 4.38 -15.52 -21.91
CA GLY B 167 3.50 -16.11 -20.92
C GLY B 167 2.33 -15.20 -20.63
N VAL B 168 1.55 -15.59 -19.61
CA VAL B 168 0.40 -14.78 -19.22
C VAL B 168 0.88 -13.60 -18.38
N CYS B 169 0.04 -12.58 -18.29
CA CYS B 169 0.40 -11.43 -17.48
C CYS B 169 -0.85 -10.85 -16.86
N PHE B 170 -0.70 -9.70 -16.24
CA PHE B 170 -1.71 -9.19 -15.35
C PHE B 170 -2.91 -8.66 -16.14
N GLY B 171 -4.11 -9.05 -15.70
CA GLY B 171 -5.30 -8.93 -16.49
C GLY B 171 -5.64 -10.18 -17.27
N ASP B 172 -4.71 -11.13 -17.37
CA ASP B 172 -5.01 -12.44 -17.96
C ASP B 172 -5.62 -13.40 -16.95
N SER B 173 -5.60 -13.02 -15.67
CA SER B 173 -6.21 -13.85 -14.63
C SER B 173 -7.66 -14.17 -14.98
N GLY B 174 -8.03 -15.44 -14.83
CA GLY B 174 -9.37 -15.90 -15.12
C GLY B 174 -9.57 -16.40 -16.54
N SER B 175 -8.78 -15.90 -17.49
CA SER B 175 -8.93 -16.28 -18.88
C SER B 175 -8.70 -17.78 -19.05
N PRO B 176 -9.26 -18.39 -20.09
CA PRO B 176 -9.15 -19.84 -20.23
C PRO B 176 -7.81 -20.30 -20.78
N LEU B 177 -7.47 -21.53 -20.44
CA LEU B 177 -6.40 -22.29 -21.08
C LEU B 177 -7.08 -23.42 -21.85
N VAL B 178 -7.04 -23.37 -23.17
CA VAL B 178 -7.74 -24.34 -24.02
C VAL B 178 -6.74 -25.39 -24.48
N CYS B 179 -7.06 -26.66 -24.22
CA CYS B 179 -6.22 -27.78 -24.60
C CYS B 179 -7.09 -28.76 -25.37
N ASN B 180 -6.67 -29.10 -26.59
CA ASN B 180 -7.42 -30.00 -27.45
C ASN B 180 -8.91 -29.67 -27.40
N GLY B 181 -9.21 -28.39 -27.65
CA GLY B 181 -10.57 -27.92 -27.77
C GLY B 181 -11.28 -27.65 -26.46
N LEU B 182 -10.71 -28.03 -25.32
CA LEU B 182 -11.42 -28.04 -24.06
C LEU B 182 -10.80 -27.06 -23.07
N ILE B 183 -11.64 -26.31 -22.38
CA ILE B 183 -11.16 -25.31 -21.43
C ILE B 183 -10.65 -26.05 -20.20
N HIS B 184 -9.34 -26.28 -20.15
CA HIS B 184 -8.72 -26.99 -19.04
C HIS B 184 -8.22 -26.08 -17.93
N GLY B 185 -8.14 -24.77 -18.15
CA GLY B 185 -7.44 -23.91 -17.23
C GLY B 185 -8.11 -22.56 -17.02
N ILE B 186 -7.83 -22.00 -15.84
CA ILE B 186 -8.16 -20.64 -15.46
C ILE B 186 -6.88 -20.01 -14.93
N ALA B 187 -6.43 -18.93 -15.57
CA ALA B 187 -5.20 -18.30 -15.13
C ALA B 187 -5.30 -17.88 -13.67
N SER B 188 -4.30 -18.27 -12.87
CA SER B 188 -4.30 -17.94 -11.45
C SER B 188 -3.09 -17.12 -11.01
N PHE B 189 -1.86 -17.56 -11.29
CA PHE B 189 -0.75 -16.76 -10.80
C PHE B 189 0.53 -16.96 -11.60
N VAL B 190 1.39 -15.94 -11.52
CA VAL B 190 2.71 -15.96 -12.11
C VAL B 190 3.72 -15.91 -10.97
N ARG B 191 4.98 -16.18 -11.30
CA ARG B 191 6.06 -16.26 -10.31
C ARG B 191 7.14 -15.25 -10.68
N GLY B 192 7.44 -14.35 -9.74
CA GLY B 192 8.47 -13.35 -9.94
C GLY B 192 8.00 -12.19 -10.78
N GLY B 193 7.28 -12.53 -11.84
CA GLY B 193 6.78 -11.56 -12.78
C GLY B 193 6.35 -12.27 -14.04
N CYS B 194 6.04 -11.48 -15.07
CA CYS B 194 5.47 -12.05 -16.28
C CYS B 194 6.56 -12.53 -17.23
N ALA B 195 6.25 -13.61 -17.95
CA ALA B 195 7.13 -14.09 -19.02
C ALA B 195 8.54 -14.29 -18.53
N SER B 196 8.68 -14.93 -17.37
CA SER B 196 10.01 -15.13 -16.80
C SER B 196 10.87 -15.99 -17.72
N GLY B 197 10.26 -17.00 -18.36
CA GLY B 197 11.07 -18.03 -18.96
C GLY B 197 11.88 -18.78 -17.94
N LEU B 198 11.51 -18.67 -16.66
CA LEU B 198 12.13 -19.37 -15.56
C LEU B 198 11.15 -20.22 -14.79
N TYR B 199 9.97 -19.65 -14.46
CA TYR B 199 8.84 -20.24 -13.77
C TYR B 199 7.67 -20.42 -14.72
N PRO B 200 6.96 -21.53 -14.65
CA PRO B 200 5.74 -21.66 -15.45
C PRO B 200 4.62 -20.78 -14.90
N ASP B 201 3.69 -20.41 -15.77
CA ASP B 201 2.45 -19.77 -15.32
C ASP B 201 1.55 -20.84 -14.71
N ALA B 202 0.91 -20.52 -13.58
CA ALA B 202 0.06 -21.47 -12.87
C ALA B 202 -1.41 -21.17 -13.15
N PHE B 203 -2.12 -22.18 -13.67
CA PHE B 203 -3.53 -22.16 -13.98
C PHE B 203 -4.28 -23.03 -12.98
N ALA B 204 -5.50 -22.62 -12.65
CA ALA B 204 -6.37 -23.48 -11.84
C ALA B 204 -6.87 -24.65 -12.67
N PRO B 205 -6.87 -25.88 -12.13
CA PRO B 205 -7.29 -27.04 -12.95
C PRO B 205 -8.79 -27.15 -13.19
N VAL B 206 -9.29 -26.55 -14.26
CA VAL B 206 -10.72 -26.65 -14.56
C VAL B 206 -11.21 -28.09 -14.39
N ALA B 207 -10.43 -29.06 -14.85
CA ALA B 207 -10.88 -30.44 -14.79
C ALA B 207 -11.09 -30.95 -13.37
N GLN B 208 -10.54 -30.27 -12.37
CA GLN B 208 -10.74 -30.67 -10.98
C GLN B 208 -12.03 -30.13 -10.39
N PHE B 209 -12.71 -29.21 -11.08
CA PHE B 209 -13.92 -28.60 -10.57
C PHE B 209 -15.13 -28.94 -11.43
N VAL B 210 -14.94 -29.76 -12.46
CA VAL B 210 -16.04 -30.10 -13.38
C VAL B 210 -17.27 -30.50 -12.57
N ASN B 211 -17.08 -31.38 -11.59
CA ASN B 211 -18.18 -31.81 -10.73
C ASN B 211 -18.98 -30.60 -10.28
N TRP B 212 -18.36 -29.74 -9.47
CA TRP B 212 -19.08 -28.60 -8.93
C TRP B 212 -19.66 -27.75 -10.05
N ILE B 213 -18.92 -27.62 -11.15
CA ILE B 213 -19.38 -26.76 -12.23
C ILE B 213 -20.75 -27.19 -12.69
N ASP B 214 -20.92 -28.48 -13.01
CA ASP B 214 -22.22 -28.93 -13.50
C ASP B 214 -23.26 -28.68 -12.43
N SER B 215 -22.91 -28.94 -11.17
CA SER B 215 -23.84 -28.79 -10.07
C SER B 215 -24.43 -27.40 -9.99
N ILE B 216 -23.95 -26.45 -10.80
CA ILE B 216 -24.42 -25.08 -10.69
C ILE B 216 -25.03 -24.60 -12.00
N ILE B 217 -24.61 -25.17 -13.13
CA ILE B 217 -25.15 -24.74 -14.42
C ILE B 217 -25.90 -25.83 -15.14
N GLN B 218 -25.77 -27.08 -14.72
CA GLN B 218 -26.52 -28.18 -15.32
C GLN B 218 -26.28 -28.26 -16.82
N ILE C 1 -2.61 13.60 18.49
CA ILE C 1 -2.61 13.47 19.96
C ILE C 1 -3.82 12.61 20.41
N ILE C 2 -3.55 11.57 21.19
CA ILE C 2 -4.59 10.71 21.74
C ILE C 2 -4.87 11.12 23.18
N GLY C 3 -6.14 11.25 23.53
CA GLY C 3 -6.53 11.47 24.91
C GLY C 3 -6.25 12.86 25.42
N GLY C 4 -6.10 13.84 24.54
CA GLY C 4 -5.80 15.19 24.91
C GLY C 4 -7.00 16.12 24.79
N ARG C 5 -6.70 17.41 24.63
CA ARG C 5 -7.70 18.47 24.61
C ARG C 5 -7.31 19.48 23.54
N GLU C 6 -8.32 20.15 22.97
CA GLU C 6 -8.01 21.19 21.98
C GLU C 6 -7.16 22.27 22.65
N SER C 7 -6.12 22.70 21.96
CA SER C 7 -5.27 23.78 22.45
C SER C 7 -6.07 25.07 22.51
N ARG C 8 -5.75 25.91 23.48
CA ARG C 8 -6.19 27.30 23.44
C ARG C 8 -5.55 27.96 22.23
N PRO C 9 -6.33 28.58 21.33
CA PRO C 9 -5.74 29.10 20.10
C PRO C 9 -4.54 30.02 20.38
N HIS C 10 -3.42 29.72 19.71
CA HIS C 10 -2.19 30.51 19.74
C HIS C 10 -1.51 30.51 21.10
N SER C 11 -1.85 29.56 21.97
CA SER C 11 -1.20 29.44 23.26
C SER C 11 0.19 28.81 23.18
N ARG C 12 0.55 28.26 22.03
CA ARG C 12 1.83 27.58 21.84
C ARG C 12 2.43 28.13 20.55
N PRO C 13 2.92 29.36 20.57
CA PRO C 13 3.23 30.08 19.32
C PRO C 13 4.53 29.66 18.65
N TYR C 14 5.23 28.68 19.19
CA TYR C 14 6.38 28.07 18.52
C TYR C 14 6.00 26.92 17.61
N MET C 15 4.75 26.45 17.67
CA MET C 15 4.36 25.27 16.92
C MET C 15 4.43 25.53 15.41
N ALA C 16 4.97 24.56 14.69
CA ALA C 16 5.08 24.60 13.24
C ALA C 16 4.34 23.38 12.69
N TYR C 17 3.51 23.61 11.68
CA TYR C 17 2.82 22.54 10.95
C TYR C 17 3.61 22.30 9.67
N LEU C 18 4.03 21.06 9.43
CA LEU C 18 4.85 20.73 8.29
C LEU C 18 4.08 19.88 7.28
N GLN C 19 4.12 20.31 6.03
CA GLN C 19 3.60 19.56 4.90
C GLN C 19 4.77 19.24 3.98
N ILE C 20 5.08 17.94 3.84
CA ILE C 20 6.25 17.46 3.14
C ILE C 20 5.80 16.73 1.89
N GLN C 21 6.39 17.07 0.76
CA GLN C 21 6.05 16.48 -0.53
C GLN C 21 7.29 15.97 -1.23
N SER C 22 7.16 14.78 -1.82
CA SER C 22 8.18 14.14 -2.63
C SER C 22 7.48 13.44 -3.78
N PRO C 23 8.22 13.12 -4.85
CA PRO C 23 7.57 12.48 -6.00
C PRO C 23 6.74 11.27 -5.62
N ALA C 24 7.17 10.47 -4.67
CA ALA C 24 6.48 9.22 -4.37
C ALA C 24 5.34 9.38 -3.38
N GLY C 25 5.25 10.49 -2.67
CA GLY C 25 4.22 10.60 -1.65
C GLY C 25 4.41 11.83 -0.79
N GLN C 26 3.59 11.90 0.26
CA GLN C 26 3.65 13.03 1.16
C GLN C 26 3.67 12.60 2.62
N SER C 27 3.96 13.58 3.46
CA SER C 27 3.95 13.38 4.90
C SER C 27 3.48 14.66 5.57
N ARG C 28 2.92 14.52 6.76
CA ARG C 28 2.63 15.65 7.61
C ARG C 28 3.27 15.44 8.97
N CYS C 29 3.88 16.50 9.47
CA CYS C 29 4.60 16.42 10.74
C CYS C 29 4.41 17.72 11.50
N GLY C 30 4.80 17.71 12.76
CA GLY C 30 4.95 18.93 13.53
C GLY C 30 6.40 19.36 13.60
N GLY C 31 6.61 20.50 14.24
CA GLY C 31 7.94 21.03 14.43
C GLY C 31 7.83 22.22 15.36
N PHE C 32 8.95 22.81 15.69
CA PHE C 32 8.86 23.99 16.56
C PHE C 32 9.96 24.98 16.22
N LEU C 33 9.60 26.26 16.30
CA LEU C 33 10.50 27.36 15.96
C LEU C 33 11.50 27.57 17.08
N VAL C 34 12.79 27.57 16.76
CA VAL C 34 13.82 27.74 17.77
C VAL C 34 14.65 28.99 17.56
N ARG C 35 14.56 29.63 16.40
CA ARG C 35 15.13 30.93 16.12
C ARG C 35 14.27 31.52 15.03
N GLU C 36 14.38 32.82 14.81
CA GLU C 36 13.48 33.43 13.83
C GLU C 36 13.64 32.77 12.47
N ASP C 37 14.76 32.09 12.22
CA ASP C 37 15.02 31.50 10.91
C ASP C 37 15.19 29.99 10.90
N PHE C 38 14.92 29.29 12.01
CA PHE C 38 15.07 27.84 12.03
C PHE C 38 13.91 27.16 12.76
N VAL C 39 13.50 26.02 12.22
CA VAL C 39 12.54 25.10 12.84
C VAL C 39 13.25 23.78 13.12
N LEU C 40 13.08 23.28 14.32
CA LEU C 40 13.55 21.95 14.70
C LEU C 40 12.42 20.93 14.55
N THR C 41 12.76 19.74 14.06
CA THR C 41 11.76 18.68 13.86
C THR C 41 12.46 17.32 13.81
N ALA C 42 11.74 16.27 13.44
CA ALA C 42 12.33 14.94 13.33
C ALA C 42 12.94 14.72 11.95
N ALA C 43 14.06 14.02 11.91
CA ALA C 43 14.69 13.68 10.64
C ALA C 43 13.82 12.75 9.80
N HIS C 44 13.00 11.90 10.40
CA HIS C 44 12.19 11.05 9.53
C HIS C 44 11.08 11.86 8.85
N CYS C 45 10.98 13.16 9.12
CA CYS C 45 10.02 14.01 8.43
C CYS C 45 10.58 14.63 7.16
N TRP C 46 11.83 14.32 6.82
CA TRP C 46 12.49 14.91 5.67
C TRP C 46 11.80 14.50 4.36
N GLY C 47 11.92 15.37 3.37
CA GLY C 47 11.39 15.09 2.05
C GLY C 47 11.88 16.16 1.10
N SER C 48 11.43 16.03 -0.15
CA SER C 48 11.97 16.87 -1.22
C SER C 48 11.61 18.34 -1.05
N ASN C 49 10.37 18.62 -0.61
CA ASN C 49 9.91 19.99 -0.46
C ASN C 49 9.12 20.08 0.83
N ILE C 50 9.41 21.09 1.65
CA ILE C 50 8.79 21.21 2.96
C ILE C 50 8.18 22.60 3.06
N ASN C 51 6.88 22.65 3.31
CA ASN C 51 6.16 23.88 3.61
C ASN C 51 5.94 23.95 5.12
N VAL C 52 6.25 25.10 5.71
CA VAL C 52 6.12 25.34 7.13
C VAL C 52 5.03 26.39 7.33
N THR C 53 4.09 26.10 8.21
CA THR C 53 3.08 27.06 8.61
C THR C 53 3.29 27.38 10.09
N LEU C 54 3.57 28.65 10.37
CA LEU C 54 3.66 29.17 11.72
C LEU C 54 2.40 29.96 12.02
N GLY C 55 2.12 30.12 13.31
CA GLY C 55 1.01 30.94 13.73
C GLY C 55 -0.36 30.34 13.51
N ALA C 56 -0.44 29.02 13.36
CA ALA C 56 -1.70 28.39 13.03
C ALA C 56 -2.42 27.87 14.26
N HIS C 57 -3.74 27.86 14.20
CA HIS C 57 -4.51 26.99 15.08
C HIS C 57 -5.32 25.96 14.30
N ASN C 58 -6.21 26.38 13.42
CA ASN C 58 -6.90 25.48 12.49
C ASN C 58 -6.10 25.45 11.21
N ILE C 59 -5.44 24.32 10.92
CA ILE C 59 -4.65 24.25 9.70
C ILE C 59 -5.49 23.99 8.47
N GLN C 60 -6.81 23.78 8.62
CA GLN C 60 -7.69 23.63 7.48
C GLN C 60 -8.25 24.96 7.03
N ARG C 61 -7.97 26.04 7.77
CA ARG C 61 -8.43 27.38 7.46
C ARG C 61 -7.22 28.24 7.13
N ARG C 62 -7.36 29.12 6.13
CA ARG C 62 -6.33 30.09 5.84
C ARG C 62 -6.54 31.27 6.80
N GLU C 63 -6.16 31.03 8.05
CA GLU C 63 -6.21 32.03 9.10
C GLU C 63 -5.19 33.13 8.80
N ASN C 64 -5.51 34.34 9.20
CA ASN C 64 -4.65 35.47 8.83
C ASN C 64 -3.44 35.61 9.74
N THR C 65 -3.40 34.87 10.84
CA THR C 65 -2.24 34.78 11.71
C THR C 65 -1.15 33.86 11.17
N GLN C 66 -1.44 33.10 10.11
CA GLN C 66 -0.50 32.11 9.63
C GLN C 66 0.57 32.76 8.75
N GLN C 67 1.80 32.28 8.90
CA GLN C 67 2.91 32.64 8.03
C GLN C 67 3.38 31.36 7.34
N HIS C 68 3.39 31.38 6.01
CA HIS C 68 3.80 30.23 5.23
C HIS C 68 5.18 30.48 4.65
N ILE C 69 6.10 29.57 4.95
CA ILE C 69 7.49 29.72 4.57
C ILE C 69 7.96 28.33 4.16
N THR C 70 8.77 28.27 3.12
CA THR C 70 9.32 27.00 2.68
C THR C 70 10.68 26.78 3.32
N ALA C 71 11.06 25.52 3.46
CA ALA C 71 12.37 25.19 4.03
C ALA C 71 13.43 25.36 2.94
N ARG C 72 14.24 26.41 3.09
CA ARG C 72 15.37 26.61 2.17
C ARG C 72 16.38 25.49 2.30
N ARG C 73 16.61 25.04 3.53
CA ARG C 73 17.50 23.89 3.75
C ARG C 73 16.85 22.95 4.76
N ALA C 74 16.95 21.65 4.53
CA ALA C 74 16.43 20.64 5.47
C ALA C 74 17.57 19.70 5.85
N ILE C 75 18.15 19.91 7.02
CA ILE C 75 19.43 19.35 7.42
C ILE C 75 19.16 18.23 8.41
N ARG C 76 19.13 17.01 7.88
CA ARG C 76 19.05 15.82 8.74
C ARG C 76 20.36 15.62 9.48
N HIS C 77 20.30 15.19 10.76
CA HIS C 77 21.52 14.84 11.47
C HIS C 77 22.34 13.92 10.58
N PRO C 78 23.66 14.12 10.46
CA PRO C 78 24.46 13.28 9.54
C PRO C 78 24.49 11.81 9.88
N GLN C 79 24.25 11.42 11.12
CA GLN C 79 24.22 10.02 11.49
C GLN C 79 22.81 9.54 11.84
N TYR C 80 21.78 10.27 11.35
CA TYR C 80 20.41 9.77 11.40
C TYR C 80 20.39 8.34 10.92
N ASN C 81 19.74 7.47 11.71
CA ASN C 81 19.61 6.03 11.41
C ASN C 81 18.15 5.69 11.13
N GLN C 82 17.82 5.55 9.84
CA GLN C 82 16.44 5.29 9.43
C GLN C 82 15.95 3.92 9.89
N ARG C 83 16.83 2.94 10.11
CA ARG C 83 16.39 1.61 10.46
C ARG C 83 15.85 1.55 11.88
N THR C 84 16.55 2.20 12.83
CA THR C 84 16.19 2.18 14.25
C THR C 84 15.58 3.49 14.71
N ILE C 85 15.55 4.51 13.85
CA ILE C 85 15.07 5.85 14.18
C ILE C 85 15.89 6.40 15.35
N GLN C 86 17.20 6.49 15.15
CA GLN C 86 18.13 7.07 16.10
C GLN C 86 18.74 8.33 15.50
N ASN C 87 19.21 9.23 16.35
CA ASN C 87 19.68 10.53 15.90
C ASN C 87 18.60 11.22 15.07
N ASP C 88 17.36 11.13 15.53
CA ASP C 88 16.18 11.51 14.74
C ASP C 88 15.93 12.99 15.00
N ILE C 89 16.72 13.84 14.31
CA ILE C 89 16.66 15.29 14.53
C ILE C 89 17.04 15.95 13.22
N MET C 90 16.28 16.99 12.86
CA MET C 90 16.49 17.75 11.64
C MET C 90 16.25 19.22 11.90
N LEU C 91 17.10 20.07 11.33
CA LEU C 91 16.87 21.50 11.35
C LEU C 91 16.42 21.97 9.98
N LEU C 92 15.41 22.83 9.95
CA LEU C 92 14.97 23.50 8.74
C LEU C 92 15.41 24.95 8.82
N GLN C 93 16.25 25.37 7.89
CA GLN C 93 16.53 26.77 7.68
C GLN C 93 15.44 27.32 6.78
N LEU C 94 14.67 28.27 7.33
CA LEU C 94 13.54 28.84 6.63
C LEU C 94 14.00 29.79 5.52
N SER C 95 13.11 30.00 4.55
CA SER C 95 13.42 30.83 3.39
C SER C 95 13.48 32.31 3.75
N ARG C 96 12.70 32.74 4.73
CA ARG C 96 12.73 34.09 5.24
C ARG C 96 12.63 34.00 6.75
N ARG C 97 13.15 35.01 7.44
CA ARG C 97 12.91 35.09 8.88
C ARG C 97 11.43 35.31 9.12
N VAL C 98 10.90 34.63 10.13
CA VAL C 98 9.52 34.86 10.52
C VAL C 98 9.40 36.26 11.11
N ARG C 99 8.19 36.82 11.01
CA ARG C 99 7.85 38.05 11.71
C ARG C 99 7.41 37.67 13.11
N ARG C 100 8.23 37.99 14.11
CA ARG C 100 7.88 37.60 15.47
C ARG C 100 6.71 38.45 15.98
N ASN C 101 5.79 37.78 16.66
CA ASN C 101 4.63 38.44 17.25
C ASN C 101 4.04 37.49 18.28
N ARG C 102 2.88 37.88 18.84
CA ARG C 102 2.28 37.08 19.90
C ARG C 102 1.99 35.67 19.42
N ASN C 103 1.69 35.50 18.14
CA ASN C 103 1.31 34.21 17.58
C ASN C 103 2.47 33.41 17.00
N VAL C 104 3.65 34.01 16.94
CA VAL C 104 4.82 33.34 16.37
C VAL C 104 6.03 33.76 17.17
N ASN C 105 6.60 32.85 17.96
CA ASN C 105 7.84 33.20 18.65
C ASN C 105 8.54 31.92 19.08
N PRO C 106 9.86 31.95 19.14
CA PRO C 106 10.63 30.71 19.38
C PRO C 106 10.43 30.19 20.80
N VAL C 107 10.86 28.95 21.00
CA VAL C 107 10.86 28.31 22.30
C VAL C 107 12.29 28.01 22.71
N ALA C 108 12.53 28.11 24.01
CA ALA C 108 13.88 27.92 24.54
C ALA C 108 14.29 26.46 24.48
N LEU C 109 15.57 26.24 24.24
CA LEU C 109 16.15 24.91 24.27
C LEU C 109 16.80 24.66 25.62
N PRO C 110 17.02 23.41 26.00
CA PRO C 110 17.62 23.12 27.30
C PRO C 110 19.11 23.45 27.31
N ARG C 111 19.67 23.42 28.52
CA ARG C 111 21.11 23.58 28.67
C ARG C 111 21.83 22.28 28.35
N ALA C 112 23.15 22.36 28.19
CA ALA C 112 23.93 21.20 27.77
C ALA C 112 23.72 20.02 28.71
N GLN C 113 23.56 18.84 28.10
CA GLN C 113 23.40 17.56 28.81
C GLN C 113 22.34 17.64 29.92
N GLU C 114 21.43 18.61 29.84
CA GLU C 114 20.37 18.72 30.83
C GLU C 114 19.58 17.41 30.86
N GLY C 115 19.26 16.96 32.08
CA GLY C 115 18.53 15.74 32.29
C GLY C 115 17.10 16.00 32.72
N LEU C 116 16.31 14.92 32.71
CA LEU C 116 14.90 14.96 33.06
C LEU C 116 14.61 13.77 33.97
N ARG C 117 14.17 14.07 35.18
CA ARG C 117 13.89 13.02 36.14
C ARG C 117 12.60 12.29 35.80
N PRO C 118 12.53 10.98 36.08
CA PRO C 118 11.27 10.25 35.89
C PRO C 118 10.17 10.84 36.78
N GLY C 119 8.99 11.00 36.20
CA GLY C 119 7.86 11.62 36.89
C GLY C 119 7.62 13.06 36.49
N THR C 120 8.55 13.68 35.77
CA THR C 120 8.39 15.06 35.35
C THR C 120 7.21 15.21 34.41
N LEU C 121 6.34 16.18 34.71
CA LEU C 121 5.20 16.45 33.84
C LEU C 121 5.61 17.34 32.68
N CYS C 122 5.31 16.89 31.47
CA CYS C 122 5.60 17.62 30.24
C CYS C 122 4.32 17.72 29.42
N THR C 123 4.29 18.67 28.49
CA THR C 123 3.18 18.81 27.57
C THR C 123 3.66 18.55 26.15
N VAL C 124 2.86 17.84 25.36
CA VAL C 124 3.14 17.61 23.95
C VAL C 124 1.91 18.04 23.16
N ALA C 125 2.15 18.63 21.99
CA ALA C 125 1.13 19.30 21.20
C ALA C 125 1.33 18.91 19.75
N GLY C 126 0.23 18.90 19.00
CA GLY C 126 0.33 18.59 17.59
C GLY C 126 -1.03 18.51 16.93
N TRP C 127 -0.98 18.32 15.61
CA TRP C 127 -2.14 18.16 14.77
C TRP C 127 -2.34 16.73 14.31
N GLY C 128 -1.73 15.77 15.01
CA GLY C 128 -1.83 14.38 14.60
C GLY C 128 -3.19 13.76 14.88
N ARG C 129 -3.33 12.52 14.45
CA ARG C 129 -4.57 11.77 14.63
C ARG C 129 -4.89 11.58 16.11
N VAL C 130 -6.18 11.50 16.44
CA VAL C 130 -6.62 11.31 17.81
C VAL C 130 -7.06 9.87 18.08
N SER C 131 -7.16 9.04 17.06
CA SER C 131 -7.58 7.65 17.16
C SER C 131 -7.23 7.01 15.83
N MET C 132 -7.49 5.71 15.71
CA MET C 132 -7.31 5.07 14.42
C MET C 132 -8.23 5.69 13.38
N ARG C 133 -9.42 6.11 13.79
CA ARG C 133 -10.46 6.52 12.85
C ARG C 133 -10.51 8.02 12.58
N ARG C 134 -9.97 8.87 13.44
CA ARG C 134 -10.25 10.29 13.32
C ARG C 134 -9.01 11.15 13.49
N GLY C 135 -9.01 12.25 12.75
CA GLY C 135 -7.98 13.27 12.85
C GLY C 135 -8.46 14.53 13.53
N THR C 136 -7.67 15.61 13.38
CA THR C 136 -8.03 16.91 13.91
C THR C 136 -7.60 17.99 12.93
N ASP C 137 -8.42 19.02 12.82
CA ASP C 137 -8.05 20.20 12.05
C ASP C 137 -7.34 21.23 12.91
N THR C 138 -7.53 21.19 14.22
CA THR C 138 -7.01 22.18 15.15
C THR C 138 -5.95 21.58 16.06
N LEU C 139 -5.14 22.46 16.65
CA LEU C 139 -4.06 22.01 17.50
C LEU C 139 -4.59 21.39 18.79
N ARG C 140 -4.05 20.23 19.15
CA ARG C 140 -4.40 19.58 20.42
C ARG C 140 -3.12 19.35 21.23
N GLU C 141 -3.31 19.04 22.51
CA GLU C 141 -2.18 18.84 23.41
C GLU C 141 -2.59 17.90 24.53
N VAL C 142 -1.59 17.27 25.13
CA VAL C 142 -1.79 16.34 26.24
C VAL C 142 -0.60 16.43 27.17
N GLN C 143 -0.84 16.18 28.46
CA GLN C 143 0.22 16.16 29.47
C GLN C 143 0.67 14.70 29.66
N LEU C 144 1.97 14.49 29.67
CA LEU C 144 2.59 13.17 29.75
C LEU C 144 3.74 13.24 30.76
N ARG C 145 4.10 12.10 31.33
CA ARG C 145 5.17 12.04 32.31
C ARG C 145 6.40 11.36 31.73
N VAL C 146 7.57 11.93 32.02
CA VAL C 146 8.84 11.27 31.75
C VAL C 146 8.92 9.98 32.55
N GLN C 147 9.41 8.91 31.92
CA GLN C 147 9.54 7.61 32.54
C GLN C 147 11.00 7.26 32.80
N ARG C 148 11.19 6.35 33.76
CA ARG C 148 12.45 5.64 33.88
C ARG C 148 12.77 4.94 32.56
N ASP C 149 14.06 4.96 32.19
CA ASP C 149 14.43 4.44 30.89
C ASP C 149 14.04 2.98 30.72
N ARG C 150 14.04 2.20 31.79
CA ARG C 150 13.75 0.78 31.66
C ARG C 150 12.38 0.53 31.04
N GLN C 151 11.44 1.48 31.21
CA GLN C 151 10.12 1.27 30.63
C GLN C 151 10.20 1.18 29.11
N CYS C 152 11.11 1.92 28.48
CA CYS C 152 11.23 1.80 27.03
C CYS C 152 12.24 0.75 26.61
N LEU C 153 13.23 0.44 27.44
CA LEU C 153 14.37 -0.31 26.89
C LEU C 153 13.97 -1.72 26.50
N ARG C 154 12.95 -2.28 27.18
CA ARG C 154 12.52 -3.64 26.89
C ARG C 154 11.61 -3.71 25.67
N ILE C 155 10.80 -2.68 25.44
CA ILE C 155 9.85 -2.66 24.34
C ILE C 155 10.56 -2.28 23.04
N PHE C 156 11.41 -1.27 23.11
CA PHE C 156 12.11 -0.69 21.95
C PHE C 156 13.60 -1.04 22.08
N GLY C 157 13.99 -2.13 21.41
CA GLY C 157 15.31 -2.69 21.60
C GLY C 157 16.45 -1.76 21.20
N SER C 158 16.18 -0.72 20.42
CA SER C 158 17.20 0.22 19.99
C SER C 158 17.15 1.52 20.77
N TYR C 159 16.35 1.59 21.82
CA TYR C 159 16.29 2.79 22.65
C TYR C 159 17.64 3.08 23.29
N ASP C 160 18.05 4.34 23.26
CA ASP C 160 19.33 4.76 23.86
C ASP C 160 19.05 5.93 24.79
N PRO C 161 19.10 5.73 26.11
CA PRO C 161 18.79 6.87 27.01
C PRO C 161 19.72 8.05 26.87
N ARG C 162 20.92 7.86 26.33
CA ARG C 162 21.84 8.99 26.15
C ARG C 162 21.32 9.97 25.09
N ARG C 163 20.53 9.49 24.16
CA ARG C 163 20.05 10.31 23.05
C ARG C 163 18.52 10.39 22.96
N GLN C 164 17.79 9.68 23.83
CA GLN C 164 16.33 9.64 23.75
C GLN C 164 15.72 9.66 25.15
N ILE C 165 14.46 10.03 25.16
CA ILE C 165 13.64 10.14 26.36
C ILE C 165 12.46 9.18 26.23
N CYS C 166 12.16 8.49 27.33
CA CYS C 166 11.02 7.57 27.41
C CYS C 166 9.86 8.30 28.09
N VAL C 167 8.70 8.36 27.43
CA VAL C 167 7.60 9.22 27.85
C VAL C 167 6.29 8.46 27.81
N GLY C 168 5.52 8.57 28.88
CA GLY C 168 4.14 8.11 28.81
C GLY C 168 3.90 6.88 29.66
N ASP C 169 2.72 6.83 30.28
CA ASP C 169 2.37 5.74 31.19
C ASP C 169 1.59 4.68 30.43
N ARG C 170 2.03 3.42 30.57
CA ARG C 170 1.51 2.32 29.76
C ARG C 170 0.03 2.06 29.95
N ARG C 171 -0.55 2.41 31.10
CA ARG C 171 -1.94 2.07 31.37
C ARG C 171 -2.88 3.18 30.92
N GLU C 172 -2.35 4.31 30.49
CA GLU C 172 -3.12 5.46 30.03
C GLU C 172 -3.29 5.42 28.52
N ARG C 173 -4.41 5.95 28.07
CA ARG C 173 -4.68 6.30 26.69
C ARG C 173 -4.47 7.82 26.53
N LYS C 174 -3.22 8.20 26.66
CA LYS C 174 -2.75 9.58 26.47
C LYS C 174 -1.39 9.46 25.82
N ALA C 175 -1.23 10.01 24.62
CA ALA C 175 0.04 9.84 23.90
C ALA C 175 0.08 10.77 22.70
N ALA C 176 1.29 10.95 22.16
CA ALA C 176 1.43 11.47 20.80
C ALA C 176 1.16 10.35 19.80
N PHE C 177 0.76 10.71 18.60
CA PHE C 177 0.41 9.68 17.60
C PHE C 177 0.68 10.22 16.20
N LYS C 178 0.09 9.58 15.19
CA LYS C 178 0.52 9.78 13.81
C LYS C 178 0.26 11.22 13.38
N GLY C 179 1.29 11.88 12.91
CA GLY C 179 1.25 13.28 12.51
C GLY C 179 1.82 14.22 13.55
N ASP C 180 2.04 13.74 14.76
CA ASP C 180 2.68 14.53 15.81
C ASP C 180 4.21 14.51 15.80
N SER C 181 4.83 13.66 14.97
CA SER C 181 6.27 13.61 14.90
C SER C 181 6.85 15.00 14.68
N GLY C 182 7.96 15.26 15.36
CA GLY C 182 8.70 16.51 15.19
C GLY C 182 8.29 17.61 16.12
N GLY C 183 7.16 17.45 16.80
CA GLY C 183 6.68 18.39 17.77
C GLY C 183 7.47 18.26 19.07
N PRO C 184 7.39 19.29 19.90
CA PRO C 184 8.26 19.37 21.07
C PRO C 184 7.63 18.69 22.28
N LEU C 185 8.52 18.13 23.10
CA LEU C 185 8.21 17.81 24.48
C LEU C 185 8.53 19.02 25.32
N LEU C 186 7.53 19.67 25.87
CA LEU C 186 7.71 20.89 26.65
C LEU C 186 7.64 20.54 28.13
N CYS C 187 8.74 20.80 28.84
CA CYS C 187 8.80 20.63 30.29
C CYS C 187 9.28 21.95 30.84
N ASN C 188 8.50 22.53 31.75
CA ASN C 188 8.83 23.81 32.38
C ASN C 188 9.20 24.86 31.33
N ASN C 189 8.44 24.86 30.24
CA ASN C 189 8.52 25.88 29.21
C ASN C 189 9.83 25.82 28.42
N VAL C 190 10.41 24.63 28.32
CA VAL C 190 11.60 24.40 27.52
C VAL C 190 11.37 23.14 26.70
N ALA C 191 11.88 23.14 25.47
CA ALA C 191 11.70 22.02 24.55
C ALA C 191 12.82 21.01 24.79
N HIS C 192 12.53 20.02 25.63
CA HIS C 192 13.49 18.97 25.94
C HIS C 192 13.49 17.82 24.94
N GLY C 193 12.36 17.58 24.26
CA GLY C 193 12.22 16.40 23.43
C GLY C 193 11.60 16.73 22.08
N ILE C 194 11.73 15.76 21.16
CA ILE C 194 11.09 15.80 19.85
C ILE C 194 10.29 14.49 19.69
N VAL C 195 9.03 14.60 19.28
CA VAL C 195 8.24 13.38 19.09
C VAL C 195 8.87 12.55 17.99
N SER C 196 9.21 11.29 18.27
CA SER C 196 9.87 10.46 17.26
C SER C 196 9.07 9.22 16.93
N TYR C 197 8.88 8.28 17.87
CA TYR C 197 8.24 7.03 17.49
C TYR C 197 7.58 6.35 18.68
N GLY C 198 6.79 5.31 18.34
CA GLY C 198 6.21 4.44 19.35
C GLY C 198 5.59 3.22 18.70
N LYS C 199 4.54 2.68 19.31
CA LYS C 199 3.85 1.52 18.83
C LYS C 199 2.76 1.87 17.84
N SER C 200 2.52 0.97 16.89
CA SER C 200 1.45 1.17 15.93
C SER C 200 0.11 1.40 16.61
N SER C 201 -0.08 0.76 17.76
CA SER C 201 -1.31 0.90 18.53
C SER C 201 -1.48 2.29 19.14
N GLY C 202 -0.39 3.04 19.27
CA GLY C 202 -0.40 4.26 20.04
C GLY C 202 -0.40 4.10 21.56
N VAL C 203 -0.26 2.88 22.07
CA VAL C 203 -0.22 2.68 23.51
C VAL C 203 1.14 3.10 24.04
N PRO C 204 1.22 3.78 25.18
CA PRO C 204 2.52 4.23 25.70
C PRO C 204 3.27 3.06 26.35
N PRO C 205 4.58 3.22 26.61
CA PRO C 205 5.36 4.44 26.42
C PRO C 205 5.79 4.67 24.97
N GLU C 206 6.27 5.88 24.70
CA GLU C 206 6.78 6.27 23.39
C GLU C 206 8.10 7.00 23.54
N VAL C 207 8.81 7.15 22.43
CA VAL C 207 10.17 7.64 22.42
C VAL C 207 10.25 9.00 21.75
N PHE C 208 11.04 9.89 22.38
CA PHE C 208 11.33 11.26 21.97
C PHE C 208 12.83 11.42 21.81
N THR C 209 13.26 12.23 20.86
CA THR C 209 14.67 12.56 20.75
C THR C 209 15.03 13.53 21.88
N ARG C 210 16.17 13.29 22.54
CA ARG C 210 16.61 14.10 23.67
C ARG C 210 17.39 15.30 23.15
N VAL C 211 16.75 16.46 23.16
CA VAL C 211 17.33 17.63 22.50
C VAL C 211 18.70 17.97 23.08
N SER C 212 18.84 17.82 24.40
CA SER C 212 20.05 18.26 25.08
C SER C 212 21.28 17.48 24.63
N SER C 213 21.10 16.31 24.07
CA SER C 213 22.22 15.50 23.59
C SER C 213 22.74 15.97 22.25
N PHE C 214 22.05 16.90 21.59
CA PHE C 214 22.44 17.35 20.27
C PHE C 214 22.72 18.84 20.21
N LEU C 215 22.88 19.49 21.36
CA LEU C 215 23.04 20.94 21.35
C LEU C 215 24.28 21.40 20.56
N PRO C 216 25.45 20.77 20.68
CA PRO C 216 26.58 21.22 19.84
C PRO C 216 26.26 21.19 18.35
N TRP C 217 25.74 20.05 17.84
CA TRP C 217 25.37 20.00 16.43
C TRP C 217 24.32 21.07 16.11
N ILE C 218 23.32 21.22 16.97
CA ILE C 218 22.34 22.28 16.75
C ILE C 218 23.06 23.62 16.61
N ARG C 219 23.88 23.96 17.60
CA ARG C 219 24.49 25.29 17.55
C ARG C 219 25.33 25.42 16.28
N THR C 220 26.12 24.39 15.97
CA THR C 220 27.03 24.50 14.85
C THR C 220 26.24 24.66 13.56
N THR C 221 25.11 23.95 13.46
CA THR C 221 24.35 23.97 12.23
C THR C 221 23.71 25.33 12.04
N MET C 222 23.31 25.99 13.11
CA MET C 222 22.60 27.25 12.95
C MET C 222 23.52 28.42 12.70
N ARG C 223 24.82 28.28 12.93
CA ARG C 223 25.73 29.38 12.66
C ARG C 223 26.69 29.07 11.51
#